data_2G08
#
_entry.id   2G08
#
_cell.length_a   135.044
_cell.length_b   135.044
_cell.length_c   39.049
_cell.angle_alpha   90.00
_cell.angle_beta   90.00
_cell.angle_gamma   120.00
#
_symmetry.space_group_name_H-M   'P 32'
#
loop_
_entity.id
_entity.type
_entity.pdbx_description
1 polymer "Cytosolic 5'-nucleotidase III"
2 non-polymer 'MAGNESIUM ION'
3 non-polymer 'ALUMINUM FLUORIDE'
4 water water
#
_entity_poly.entity_id   1
_entity_poly.type   'polypeptide(L)'
_entity_poly.pdbx_seq_one_letter_code
;STNQESAVHLK(MSE)(MSE)PEFQKSSVRIKNPTRVEEIICGLIKGGAAKLQIITDFD(MSE)TLSRFSYNGKRCPTCH
NIIDNCKLVTDECRRKLLQLKEQYYAIEVDPVLTVEEKFPY(MSE)VEWYTKSHGLLIEQGIPKAKLKEIVADSDV
(MSE)LKEGYENFFGKLQQHGIPVFIFSAGIGDVLEEVIRQAGVYHSNVKVVSNF(MSE)DFDENGVLKGFKGELIHVFN
KHDGALKNTDYFSQLKDNSNIILLGDSQGDLR(MSE)ADGVANVEHILKIGYLNDRVDELLEKY(MSE)DSYDIVLVKEE
SLEVVNSILQKTL
;
_entity_poly.pdbx_strand_id   A,B
#
# COMPACT_ATOMS: atom_id res chain seq x y z
N ALA A 7 -33.91 -1.10 0.49
CA ALA A 7 -34.12 -2.20 1.48
C ALA A 7 -33.42 -3.48 1.00
N VAL A 8 -32.86 -4.26 1.92
CA VAL A 8 -32.08 -5.44 1.53
C VAL A 8 -32.87 -6.73 1.72
N HIS A 9 -32.84 -7.56 0.68
CA HIS A 9 -33.53 -8.84 0.68
C HIS A 9 -32.59 -9.90 0.15
N LEU A 10 -32.11 -10.75 1.06
CA LEU A 10 -31.21 -11.85 0.74
C LEU A 10 -31.86 -12.80 -0.23
N LYS A 11 -33.19 -12.87 -0.18
CA LYS A 11 -33.95 -13.68 -1.11
C LYS A 11 -33.73 -13.24 -2.56
N PRO A 14 -29.03 -13.65 -5.77
CA PRO A 14 -28.76 -15.03 -6.24
C PRO A 14 -27.53 -15.65 -5.58
N GLU A 15 -26.56 -14.80 -5.23
CA GLU A 15 -25.37 -15.23 -4.48
C GLU A 15 -25.67 -15.87 -3.13
N PHE A 16 -26.76 -15.47 -2.49
CA PHE A 16 -27.15 -15.95 -1.16
C PHE A 16 -28.03 -17.19 -1.20
N GLN A 17 -28.38 -17.61 -2.41
CA GLN A 17 -29.24 -18.76 -2.64
C GLN A 17 -28.41 -20.03 -2.83
N LYS A 18 -27.10 -19.86 -3.02
CA LYS A 18 -26.18 -20.99 -3.14
C LYS A 18 -26.28 -21.87 -1.88
N SER A 19 -26.18 -23.19 -2.07
CA SER A 19 -26.47 -24.13 -0.97
C SER A 19 -25.36 -24.17 0.10
N SER A 20 -24.25 -23.48 -0.17
CA SER A 20 -23.16 -23.36 0.77
C SER A 20 -23.41 -22.24 1.82
N VAL A 21 -24.35 -21.35 1.52
CA VAL A 21 -24.71 -20.23 2.38
C VAL A 21 -25.59 -20.67 3.56
N ARG A 22 -25.04 -20.67 4.77
CA ARG A 22 -25.84 -20.92 5.98
C ARG A 22 -25.99 -19.67 6.85
N ILE A 23 -27.23 -19.25 7.08
CA ILE A 23 -27.50 -18.06 7.88
C ILE A 23 -28.55 -18.41 8.92
N LYS A 24 -28.19 -18.28 10.20
CA LYS A 24 -29.11 -18.52 11.31
C LYS A 24 -30.16 -17.43 11.36
N ASN A 25 -29.74 -16.20 11.14
CA ASN A 25 -30.55 -15.05 11.43
C ASN A 25 -30.63 -14.08 10.28
N PRO A 26 -31.40 -14.44 9.22
CA PRO A 26 -31.47 -13.69 7.95
C PRO A 26 -31.95 -12.22 8.10
N THR A 27 -32.95 -11.97 8.93
CA THR A 27 -33.44 -10.60 9.20
C THR A 27 -32.38 -9.71 9.86
N ARG A 28 -31.69 -10.27 10.85
CA ARG A 28 -30.54 -9.62 11.49
C ARG A 28 -29.43 -9.30 10.48
N VAL A 29 -29.04 -10.29 9.66
CA VAL A 29 -28.07 -10.10 8.56
C VAL A 29 -28.48 -9.00 7.56
N GLU A 30 -29.75 -9.00 7.17
CA GLU A 30 -30.30 -7.95 6.29
C GLU A 30 -30.16 -6.57 6.88
N GLU A 31 -30.45 -6.47 8.18
CA GLU A 31 -30.31 -5.23 8.92
C GLU A 31 -28.86 -4.70 8.93
N ILE A 32 -27.88 -5.58 9.17
CA ILE A 32 -26.45 -5.21 9.13
C ILE A 32 -25.98 -4.76 7.72
N ILE A 33 -26.31 -5.55 6.69
CA ILE A 33 -26.00 -5.19 5.30
C ILE A 33 -26.66 -3.85 4.94
N CYS A 34 -27.89 -3.65 5.40
CA CYS A 34 -28.55 -2.36 5.27
C CYS A 34 -27.77 -1.16 5.89
N GLY A 35 -27.13 -1.37 7.04
CA GLY A 35 -26.28 -0.34 7.64
C GLY A 35 -24.99 -0.16 6.85
N LEU A 36 -24.44 -1.27 6.39
CA LEU A 36 -23.25 -1.23 5.55
C LEU A 36 -23.46 -0.37 4.30
N ILE A 37 -24.59 -0.60 3.65
CA ILE A 37 -25.00 0.11 2.46
C ILE A 37 -25.21 1.60 2.75
N LYS A 38 -25.96 1.91 3.82
CA LYS A 38 -26.22 3.30 4.22
C LYS A 38 -24.92 4.11 4.37
N GLY A 39 -23.95 3.53 5.07
CA GLY A 39 -22.66 4.17 5.30
C GLY A 39 -21.80 4.29 4.07
N GLY A 40 -21.89 3.34 3.16
CA GLY A 40 -21.16 3.40 1.90
C GLY A 40 -19.67 3.23 2.11
N ALA A 41 -18.89 3.69 1.11
CA ALA A 41 -17.44 3.62 1.11
C ALA A 41 -16.80 4.29 2.33
N ALA A 42 -17.24 5.51 2.63
CA ALA A 42 -16.74 6.35 3.71
C ALA A 42 -16.60 5.67 5.08
N LYS A 43 -17.49 4.72 5.35
CA LYS A 43 -17.57 4.11 6.68
C LYS A 43 -17.06 2.69 6.73
N LEU A 44 -16.56 2.18 5.61
CA LEU A 44 -16.23 0.75 5.52
C LEU A 44 -14.76 0.47 5.68
N GLN A 45 -14.48 -0.62 6.38
CA GLN A 45 -13.18 -1.26 6.38
C GLN A 45 -13.35 -2.78 6.46
N ILE A 46 -12.34 -3.48 5.97
CA ILE A 46 -12.33 -4.95 5.95
C ILE A 46 -11.25 -5.39 6.89
N ILE A 47 -11.57 -6.44 7.65
CA ILE A 47 -10.64 -7.08 8.55
C ILE A 47 -10.73 -8.55 8.22
N THR A 48 -9.59 -9.17 7.90
CA THR A 48 -9.64 -10.45 7.28
C THR A 48 -8.50 -11.34 7.65
N ASP A 49 -8.82 -12.59 7.92
CA ASP A 49 -7.80 -13.62 7.96
C ASP A 49 -7.27 -13.94 6.55
N PHE A 50 -6.13 -14.62 6.45
CA PHE A 50 -5.62 -15.02 5.14
C PHE A 50 -5.90 -16.45 4.80
N ASP A 51 -5.15 -17.37 5.42
CA ASP A 51 -5.13 -18.79 5.07
C ASP A 51 -6.49 -19.43 5.17
N THR A 53 -9.11 -18.44 4.10
CA THR A 53 -10.15 -17.42 4.01
C THR A 53 -10.06 -16.66 2.68
N LEU A 54 -8.90 -16.04 2.42
CA LEU A 54 -8.65 -15.38 1.15
C LEU A 54 -8.08 -16.40 0.14
N SER A 55 -7.37 -17.39 0.67
CA SER A 55 -6.85 -18.46 -0.11
C SER A 55 -7.82 -19.67 -0.10
N ARG A 56 -7.63 -20.60 -1.05
CA ARG A 56 -8.50 -21.78 -1.10
C ARG A 56 -8.04 -22.86 -0.14
N PHE A 57 -9.02 -23.59 0.40
CA PHE A 57 -8.80 -24.78 1.23
C PHE A 57 -8.55 -25.97 0.33
N SER A 58 -9.22 -26.00 -0.82
CA SER A 58 -9.05 -27.10 -1.79
C SER A 58 -9.28 -26.69 -3.26
N TYR A 59 -8.47 -27.27 -4.15
CA TYR A 59 -8.68 -27.20 -5.60
C TYR A 59 -9.05 -28.58 -6.18
N ASN A 60 -8.49 -28.92 -7.35
CA ASN A 60 -8.89 -30.13 -8.15
C ASN A 60 -8.99 -31.45 -7.35
N GLY A 61 -9.85 -31.46 -6.34
CA GLY A 61 -9.89 -32.55 -5.37
C GLY A 61 -8.62 -32.56 -4.52
N LYS A 62 -7.99 -31.38 -4.43
CA LYS A 62 -6.67 -31.29 -3.84
C LYS A 62 -6.65 -30.22 -2.73
N ARG A 63 -5.87 -30.50 -1.71
CA ARG A 63 -5.80 -29.68 -0.54
C ARG A 63 -4.71 -28.65 -0.77
N CYS A 64 -5.11 -27.37 -0.69
CA CYS A 64 -4.23 -26.24 -0.96
C CYS A 64 -3.37 -25.89 0.26
N PRO A 65 -2.18 -25.30 0.04
CA PRO A 65 -1.27 -24.93 1.11
C PRO A 65 -1.58 -23.58 1.82
N THR A 66 -1.29 -23.55 3.12
CA THR A 66 -1.15 -22.31 3.88
C THR A 66 0.23 -21.71 3.57
N CYS A 67 0.42 -20.45 3.91
CA CYS A 67 1.74 -19.78 3.85
C CYS A 67 2.86 -20.60 4.47
N HIS A 68 2.59 -21.25 5.60
CA HIS A 68 3.55 -22.15 6.26
C HIS A 68 3.78 -23.36 5.36
N ASN A 69 2.73 -23.95 4.80
CA ASN A 69 2.87 -25.15 3.92
C ASN A 69 3.73 -24.90 2.69
N ILE A 70 3.69 -23.67 2.18
CA ILE A 70 4.46 -23.22 1.03
C ILE A 70 5.97 -23.42 1.26
N ILE A 71 6.44 -23.09 2.47
CA ILE A 71 7.86 -23.29 2.84
C ILE A 71 8.13 -24.75 3.19
N ASP A 72 7.24 -25.36 3.95
CA ASP A 72 7.31 -26.79 4.28
C ASP A 72 7.55 -27.63 3.05
N ASN A 73 6.85 -27.29 1.97
CA ASN A 73 6.78 -28.09 0.76
C ASN A 73 7.87 -27.76 -0.24
N CYS A 74 8.51 -26.61 -0.10
CA CYS A 74 9.44 -26.15 -1.12
C CYS A 74 10.75 -26.96 -1.18
N LYS A 75 11.49 -26.73 -2.25
CA LYS A 75 12.67 -27.50 -2.60
C LYS A 75 13.84 -27.19 -1.65
N LEU A 76 13.71 -26.08 -0.92
CA LEU A 76 14.71 -25.62 0.05
C LEU A 76 14.67 -26.35 1.41
N VAL A 77 13.68 -27.22 1.59
CA VAL A 77 13.44 -27.93 2.86
C VAL A 77 13.53 -29.47 2.64
N THR A 78 14.32 -30.15 3.46
CA THR A 78 14.50 -31.60 3.31
C THR A 78 13.22 -32.39 3.58
N ASP A 79 13.18 -33.63 3.09
CA ASP A 79 12.13 -34.60 3.41
C ASP A 79 12.13 -34.94 4.90
N GLU A 80 13.33 -34.87 5.48
CA GLU A 80 13.56 -35.12 6.91
C GLU A 80 13.00 -34.00 7.79
N CYS A 81 13.10 -32.76 7.30
CA CYS A 81 12.43 -31.65 7.98
C CYS A 81 10.91 -31.80 7.88
N ARG A 82 10.41 -32.20 6.71
CA ARG A 82 8.99 -32.47 6.52
C ARG A 82 8.43 -33.63 7.37
N ARG A 83 9.29 -34.58 7.76
CA ARG A 83 8.86 -35.63 8.67
C ARG A 83 8.64 -35.07 10.08
N LYS A 84 9.54 -34.20 10.50
CA LYS A 84 9.44 -33.52 11.79
C LYS A 84 8.19 -32.63 11.83
N LEU A 85 8.04 -31.80 10.80
CA LEU A 85 6.90 -30.91 10.69
C LEU A 85 5.58 -31.69 10.75
N LEU A 86 5.50 -32.80 10.02
CA LEU A 86 4.33 -33.66 10.06
C LEU A 86 4.01 -34.14 11.46
N GLN A 87 5.02 -34.67 12.16
CA GLN A 87 4.82 -35.18 13.52
C GLN A 87 4.33 -34.11 14.45
N LEU A 88 4.98 -32.93 14.41
CA LEU A 88 4.53 -31.75 15.15
C LEU A 88 3.04 -31.47 14.97
N LYS A 89 2.60 -31.48 13.70
CA LYS A 89 1.21 -31.23 13.32
C LYS A 89 0.27 -32.27 13.93
N GLU A 90 0.69 -33.54 13.89
CA GLU A 90 -0.10 -34.63 14.43
C GLU A 90 -0.30 -34.50 15.95
N GLN A 91 0.76 -34.12 16.66
CA GLN A 91 0.74 -33.98 18.12
C GLN A 91 -0.06 -32.74 18.51
N TYR A 92 0.24 -31.63 17.84
CA TYR A 92 -0.31 -30.36 18.26
C TYR A 92 -1.65 -30.02 17.66
N TYR A 93 -1.99 -30.62 16.51
CA TYR A 93 -3.30 -30.37 15.94
C TYR A 93 -4.35 -31.12 16.74
N ALA A 94 -3.99 -32.28 17.26
CA ALA A 94 -4.85 -33.03 18.19
C ALA A 94 -5.20 -32.19 19.41
N ILE A 95 -4.26 -31.31 19.79
CA ILE A 95 -4.45 -30.43 20.93
C ILE A 95 -5.39 -29.27 20.51
N GLU A 96 -4.99 -28.51 19.49
CA GLU A 96 -5.85 -27.51 18.87
C GLU A 96 -7.35 -27.88 18.80
N VAL A 97 -7.64 -29.11 18.40
CA VAL A 97 -9.03 -29.49 18.12
C VAL A 97 -9.63 -30.32 19.23
N ASP A 98 -8.89 -30.48 20.31
CA ASP A 98 -9.33 -31.25 21.48
C ASP A 98 -10.61 -30.62 22.03
N PRO A 99 -11.70 -31.39 22.13
CA PRO A 99 -12.94 -30.75 22.54
C PRO A 99 -13.05 -30.49 24.05
N VAL A 100 -12.21 -31.14 24.86
CA VAL A 100 -12.26 -31.05 26.32
C VAL A 100 -11.49 -29.84 26.92
N LEU A 101 -10.44 -29.41 26.23
CA LEU A 101 -9.60 -28.29 26.68
C LEU A 101 -10.20 -26.91 26.37
N THR A 102 -10.08 -25.98 27.32
CA THR A 102 -10.51 -24.59 27.11
C THR A 102 -9.53 -23.93 26.15
N VAL A 103 -10.01 -22.98 25.33
CA VAL A 103 -9.16 -22.22 24.41
C VAL A 103 -7.91 -21.71 25.12
N GLU A 104 -8.11 -21.22 26.34
CA GLU A 104 -7.05 -20.69 27.19
C GLU A 104 -5.98 -21.74 27.51
N GLU A 105 -6.41 -22.95 27.93
CA GLU A 105 -5.49 -24.10 28.12
C GLU A 105 -4.65 -24.48 26.87
N LYS A 106 -5.11 -24.12 25.67
CA LYS A 106 -4.42 -24.44 24.41
C LYS A 106 -3.36 -23.44 23.99
N PHE A 107 -3.48 -22.18 24.48
CA PHE A 107 -2.49 -21.12 24.23
C PHE A 107 -1.05 -21.62 24.27
N PRO A 108 -0.59 -22.18 25.42
CA PRO A 108 0.82 -22.56 25.51
C PRO A 108 1.25 -23.63 24.52
N TYR A 109 0.33 -24.56 24.22
CA TYR A 109 0.56 -25.61 23.24
C TYR A 109 0.79 -25.03 21.85
N VAL A 111 1.72 -21.78 21.01
CA VAL A 111 3.04 -21.13 21.10
C VAL A 111 4.17 -22.14 20.84
N GLU A 112 4.11 -23.31 21.50
CA GLU A 112 5.09 -24.40 21.33
C GLU A 112 5.16 -24.89 19.90
N TRP A 113 4.01 -25.20 19.34
CA TRP A 113 3.91 -25.68 17.98
C TRP A 113 4.53 -24.72 16.96
N TYR A 114 4.05 -23.47 16.91
CA TYR A 114 4.57 -22.45 15.99
C TYR A 114 6.07 -22.16 16.19
N THR A 115 6.53 -22.17 17.45
CA THR A 115 7.94 -21.98 17.81
C THR A 115 8.85 -23.15 17.41
N LYS A 116 8.34 -24.37 17.57
CA LYS A 116 9.07 -25.56 17.12
C LYS A 116 9.15 -25.62 15.59
N SER A 117 8.02 -25.40 14.92
CA SER A 117 7.94 -25.49 13.45
C SER A 117 8.67 -24.35 12.73
N HIS A 118 8.52 -23.12 13.23
CA HIS A 118 9.37 -22.00 12.78
C HIS A 118 10.84 -22.31 13.00
N GLY A 119 11.13 -22.99 14.09
CA GLY A 119 12.52 -23.31 14.48
C GLY A 119 13.20 -24.33 13.58
N LEU A 120 12.40 -25.26 13.05
CA LEU A 120 12.89 -26.20 12.04
C LEU A 120 13.12 -25.46 10.73
N LEU A 121 12.24 -24.50 10.40
CA LEU A 121 12.43 -23.73 9.17
C LEU A 121 13.69 -22.89 9.21
N ILE A 122 13.94 -22.27 10.36
CA ILE A 122 15.17 -21.49 10.57
C ILE A 122 16.41 -22.35 10.33
N GLU A 123 16.32 -23.64 10.67
CA GLU A 123 17.41 -24.61 10.48
C GLU A 123 17.67 -24.94 9.00
N GLN A 124 16.60 -24.99 8.20
CA GLN A 124 16.71 -25.23 6.76
C GLN A 124 17.44 -24.14 5.97
N GLY A 125 17.41 -22.90 6.47
CA GLY A 125 18.15 -21.79 5.86
C GLY A 125 17.45 -21.20 4.66
N ILE A 126 16.40 -20.42 4.93
CA ILE A 126 15.55 -19.82 3.89
C ILE A 126 16.02 -18.39 3.52
N PRO A 127 16.57 -18.19 2.28
CA PRO A 127 16.95 -16.86 1.85
C PRO A 127 15.74 -16.03 1.41
N LYS A 128 15.77 -14.74 1.69
CA LYS A 128 14.72 -13.83 1.27
C LYS A 128 14.55 -13.83 -0.27
N ALA A 129 15.68 -13.74 -0.99
CA ALA A 129 15.71 -13.59 -2.44
C ALA A 129 15.01 -14.74 -3.16
N LYS A 130 14.98 -15.90 -2.50
CA LYS A 130 14.39 -17.11 -3.04
C LYS A 130 12.88 -17.22 -2.87
N LEU A 131 12.27 -16.33 -2.08
CA LEU A 131 10.83 -16.49 -1.73
C LEU A 131 9.89 -16.27 -2.91
N LYS A 132 10.28 -15.36 -3.81
CA LYS A 132 9.60 -15.15 -5.07
C LYS A 132 9.39 -16.46 -5.85
N GLU A 133 10.47 -17.16 -6.15
CA GLU A 133 10.36 -18.43 -6.89
C GLU A 133 9.67 -19.54 -6.10
N ILE A 134 9.94 -19.64 -4.80
CA ILE A 134 9.26 -20.60 -3.94
C ILE A 134 7.74 -20.47 -4.07
N VAL A 135 7.25 -19.23 -4.01
CA VAL A 135 5.83 -18.93 -4.12
C VAL A 135 5.29 -19.21 -5.53
N ALA A 136 6.04 -18.83 -6.57
CA ALA A 136 5.63 -19.06 -7.97
C ALA A 136 5.50 -20.55 -8.29
N ASP A 137 6.41 -21.35 -7.73
CA ASP A 137 6.39 -22.80 -7.88
C ASP A 137 5.41 -23.50 -6.94
N SER A 138 4.73 -22.76 -6.07
CA SER A 138 3.92 -23.39 -5.04
C SER A 138 2.51 -23.72 -5.56
N ASP A 139 1.76 -24.50 -4.79
CA ASP A 139 0.37 -24.83 -5.14
C ASP A 139 -0.69 -23.88 -4.61
N VAL A 140 -0.30 -22.66 -4.26
CA VAL A 140 -1.22 -21.72 -3.60
C VAL A 140 -2.33 -21.21 -4.52
N LEU A 142 -5.76 -18.41 -4.68
CA LEU A 142 -6.69 -17.47 -4.08
C LEU A 142 -8.12 -17.85 -4.44
N LYS A 143 -9.06 -17.45 -3.58
CA LYS A 143 -10.45 -17.81 -3.79
C LYS A 143 -10.99 -17.18 -5.06
N GLU A 144 -11.90 -17.89 -5.71
CA GLU A 144 -12.59 -17.42 -6.90
C GLU A 144 -13.23 -16.07 -6.57
N GLY A 145 -12.96 -15.07 -7.41
CA GLY A 145 -13.44 -13.70 -7.17
C GLY A 145 -12.46 -12.73 -6.50
N TYR A 146 -11.23 -13.16 -6.28
CA TYR A 146 -10.25 -12.33 -5.58
C TYR A 146 -9.94 -11.03 -6.33
N GLU A 147 -9.86 -11.11 -7.65
CA GLU A 147 -9.49 -9.94 -8.42
C GLU A 147 -10.57 -8.86 -8.24
N ASN A 148 -11.81 -9.30 -8.26
CA ASN A 148 -12.95 -8.43 -8.00
C ASN A 148 -13.00 -7.89 -6.56
N PHE A 149 -12.80 -8.79 -5.61
CA PHE A 149 -12.74 -8.45 -4.20
C PHE A 149 -11.75 -7.31 -3.94
N PHE A 150 -10.50 -7.51 -4.30
CA PHE A 150 -9.45 -6.53 -4.03
C PHE A 150 -9.56 -5.27 -4.88
N GLY A 151 -10.05 -5.44 -6.11
CA GLY A 151 -10.16 -4.35 -7.07
C GLY A 151 -11.28 -3.38 -6.77
N LYS A 152 -12.43 -3.86 -6.34
CA LYS A 152 -13.46 -2.93 -5.88
C LYS A 152 -12.95 -2.18 -4.64
N LEU A 153 -12.31 -2.91 -3.74
CA LEU A 153 -11.80 -2.33 -2.52
C LEU A 153 -10.77 -1.24 -2.79
N GLN A 154 -9.76 -1.52 -3.62
CA GLN A 154 -8.76 -0.51 -3.97
C GLN A 154 -9.39 0.64 -4.75
N GLN A 155 -10.40 0.33 -5.57
CA GLN A 155 -11.08 1.34 -6.40
C GLN A 155 -11.69 2.47 -5.53
N HIS A 156 -12.21 2.06 -4.37
CA HIS A 156 -12.94 2.94 -3.45
C HIS A 156 -12.12 3.31 -2.21
N GLY A 157 -10.85 2.87 -2.23
CA GLY A 157 -9.85 3.15 -1.19
C GLY A 157 -10.20 2.59 0.16
N ILE A 158 -10.90 1.45 0.18
CA ILE A 158 -11.37 0.81 1.43
C ILE A 158 -10.19 0.11 2.13
N PRO A 159 -9.96 0.44 3.41
CA PRO A 159 -9.00 -0.26 4.25
C PRO A 159 -9.23 -1.76 4.34
N VAL A 160 -8.16 -2.52 4.11
CA VAL A 160 -8.17 -3.96 4.24
C VAL A 160 -7.00 -4.31 5.17
N PHE A 161 -7.34 -5.00 6.25
CA PHE A 161 -6.38 -5.35 7.28
C PHE A 161 -6.36 -6.86 7.27
N ILE A 162 -5.33 -7.42 6.64
CA ILE A 162 -5.18 -8.84 6.62
C ILE A 162 -4.38 -9.18 7.89
N PHE A 163 -4.96 -10.00 8.76
CA PHE A 163 -4.42 -10.31 10.07
C PHE A 163 -4.12 -11.79 10.16
N SER A 164 -2.84 -12.15 10.12
CA SER A 164 -2.52 -13.54 9.80
C SER A 164 -1.53 -14.22 10.76
N ALA A 165 -1.92 -15.39 11.25
CA ALA A 165 -1.01 -16.25 12.01
C ALA A 165 -0.08 -17.04 11.08
N GLY A 166 -0.08 -16.70 9.79
CA GLY A 166 0.80 -17.32 8.80
C GLY A 166 2.21 -16.77 8.81
N ILE A 167 2.87 -16.84 7.65
CA ILE A 167 4.16 -16.16 7.46
C ILE A 167 3.91 -14.94 6.57
N GLY A 168 4.19 -13.74 7.07
CA GLY A 168 3.86 -12.49 6.37
C GLY A 168 4.60 -12.23 5.07
N ASP A 169 5.87 -12.62 5.02
CA ASP A 169 6.69 -12.56 3.79
C ASP A 169 6.10 -13.39 2.63
N VAL A 170 5.70 -14.61 2.97
CA VAL A 170 5.03 -15.56 2.05
C VAL A 170 3.69 -15.01 1.53
N LEU A 171 2.82 -14.61 2.47
CA LEU A 171 1.53 -13.95 2.21
C LEU A 171 1.65 -12.78 1.24
N GLU A 172 2.63 -11.92 1.49
CA GLU A 172 2.80 -10.75 0.68
C GLU A 172 3.22 -11.09 -0.75
N GLU A 173 4.12 -12.08 -0.87
CA GLU A 173 4.56 -12.58 -2.18
C GLU A 173 3.41 -13.17 -2.99
N VAL A 174 2.61 -14.03 -2.36
CA VAL A 174 1.36 -14.51 -2.97
C VAL A 174 0.49 -13.38 -3.53
N ILE A 175 0.14 -12.39 -2.71
CA ILE A 175 -0.72 -11.28 -3.17
C ILE A 175 -0.06 -10.35 -4.17
N ARG A 176 1.26 -10.17 -4.03
CA ARG A 176 2.06 -9.39 -4.99
C ARG A 176 2.09 -10.10 -6.36
N GLN A 177 2.32 -11.41 -6.37
CA GLN A 177 2.33 -12.15 -7.63
C GLN A 177 0.92 -12.22 -8.23
N ALA A 178 -0.10 -12.04 -7.40
CA ALA A 178 -1.48 -12.03 -7.88
C ALA A 178 -1.94 -10.65 -8.40
N GLY A 179 -1.11 -9.62 -8.20
CA GLY A 179 -1.49 -8.26 -8.56
C GLY A 179 -2.56 -7.59 -7.70
N VAL A 180 -2.75 -8.08 -6.48
CA VAL A 180 -3.78 -7.50 -5.57
C VAL A 180 -3.15 -6.90 -4.26
N TYR A 181 -1.84 -6.78 -4.20
CA TYR A 181 -1.25 -6.14 -3.02
C TYR A 181 -1.24 -4.61 -3.18
N HIS A 182 -2.43 -4.00 -3.11
CA HIS A 182 -2.60 -2.58 -3.37
C HIS A 182 -2.33 -1.78 -2.11
N SER A 183 -2.32 -0.45 -2.23
CA SER A 183 -1.99 0.45 -1.11
C SER A 183 -2.95 0.34 0.08
N ASN A 184 -4.18 -0.06 -0.20
CA ASN A 184 -5.26 -0.13 0.78
C ASN A 184 -5.13 -1.37 1.66
N VAL A 185 -4.16 -2.24 1.34
CA VAL A 185 -4.02 -3.52 2.00
C VAL A 185 -2.86 -3.46 3.03
N LYS A 186 -3.20 -3.56 4.32
CA LYS A 186 -2.17 -3.58 5.36
C LYS A 186 -2.06 -5.06 5.79
N VAL A 187 -0.84 -5.57 5.91
CA VAL A 187 -0.59 -6.93 6.35
C VAL A 187 0.09 -6.98 7.74
N VAL A 188 -0.62 -7.54 8.73
CA VAL A 188 -0.07 -7.89 10.04
C VAL A 188 0.18 -9.40 10.19
N SER A 189 1.42 -9.84 10.21
CA SER A 189 1.63 -11.28 10.35
C SER A 189 2.92 -11.61 11.10
N ASN A 190 3.26 -12.91 11.17
CA ASN A 190 4.60 -13.31 11.63
C ASN A 190 5.63 -13.12 10.52
N PHE A 191 6.36 -12.02 10.62
CA PHE A 191 7.38 -11.71 9.62
C PHE A 191 8.73 -12.31 9.97
N ASP A 193 12.82 -12.68 10.10
CA ASP A 193 13.91 -11.84 10.54
C ASP A 193 15.15 -12.40 9.87
N PHE A 194 15.83 -11.56 9.10
CA PHE A 194 16.92 -12.03 8.25
C PHE A 194 18.28 -11.58 8.82
N ASP A 195 19.32 -12.37 8.55
CA ASP A 195 20.68 -12.03 8.96
C ASP A 195 21.39 -11.28 7.84
N GLU A 196 22.65 -10.91 8.09
CA GLU A 196 23.52 -10.17 7.15
C GLU A 196 23.38 -10.61 5.69
N ASN A 197 23.37 -11.94 5.47
CA ASN A 197 23.31 -12.55 4.14
C ASN A 197 21.89 -12.66 3.55
N GLY A 198 20.89 -12.16 4.28
CA GLY A 198 19.50 -12.23 3.85
C GLY A 198 18.96 -13.65 3.94
N VAL A 199 19.42 -14.37 4.97
CA VAL A 199 18.94 -15.73 5.29
C VAL A 199 18.07 -15.61 6.54
N LEU A 200 17.08 -16.48 6.69
CA LEU A 200 16.19 -16.40 7.84
C LEU A 200 16.89 -16.83 9.14
N LYS A 201 16.81 -15.99 10.17
CA LYS A 201 17.33 -16.34 11.52
C LYS A 201 16.28 -16.46 12.66
N GLY A 202 15.09 -15.93 12.43
CA GLY A 202 14.00 -15.95 13.40
C GLY A 202 12.82 -15.16 12.88
N PHE A 203 11.91 -14.82 13.80
CA PHE A 203 10.69 -14.09 13.44
C PHE A 203 10.57 -12.81 14.29
N LYS A 204 10.05 -11.77 13.67
CA LYS A 204 9.89 -10.44 14.28
C LYS A 204 8.67 -10.36 15.18
N GLY A 205 8.80 -9.55 16.24
CA GLY A 205 7.68 -9.15 17.09
C GLY A 205 7.22 -10.25 18.02
N GLU A 206 5.94 -10.19 18.36
CA GLU A 206 5.31 -11.22 19.15
C GLU A 206 4.52 -12.16 18.26
N LEU A 207 4.43 -13.43 18.66
CA LEU A 207 3.85 -14.46 17.82
C LEU A 207 2.33 -14.29 17.67
N ILE A 208 1.86 -14.25 16.45
CA ILE A 208 0.43 -14.36 16.23
C ILE A 208 0.14 -15.83 15.96
N HIS A 209 -0.75 -16.42 16.76
CA HIS A 209 -1.24 -17.74 16.47
C HIS A 209 -2.77 -17.73 16.35
N VAL A 210 -3.36 -18.90 16.20
CA VAL A 210 -4.81 -19.01 15.94
C VAL A 210 -5.70 -18.54 17.10
N PHE A 211 -5.18 -18.58 18.33
CA PHE A 211 -6.02 -18.22 19.48
C PHE A 211 -5.80 -16.84 20.09
N ASN A 212 -4.77 -16.10 19.69
CA ASN A 212 -4.44 -14.84 20.39
C ASN A 212 -4.57 -13.61 19.52
N LYS A 213 -5.49 -13.65 18.57
CA LYS A 213 -5.63 -12.49 17.71
C LYS A 213 -6.17 -11.26 18.47
N HIS A 214 -6.87 -11.46 19.60
CA HIS A 214 -7.24 -10.34 20.47
C HIS A 214 -6.02 -9.47 20.84
N ASP A 215 -4.94 -10.11 21.26
CA ASP A 215 -3.70 -9.43 21.57
C ASP A 215 -3.19 -8.54 20.44
N GLY A 216 -2.89 -9.13 19.29
CA GLY A 216 -2.42 -8.36 18.13
C GLY A 216 -3.39 -7.29 17.71
N ALA A 217 -4.69 -7.59 17.81
CA ALA A 217 -5.74 -6.63 17.43
C ALA A 217 -5.63 -5.34 18.26
N LEU A 218 -5.41 -5.51 19.57
CA LEU A 218 -5.22 -4.37 20.49
C LEU A 218 -3.88 -3.67 20.32
N LYS A 219 -2.84 -4.41 19.95
CA LYS A 219 -1.53 -3.82 19.67
C LYS A 219 -1.38 -3.19 18.28
N ASN A 220 -2.51 -2.82 17.66
CA ASN A 220 -2.51 -2.19 16.34
C ASN A 220 -3.36 -0.94 16.29
N THR A 221 -3.68 -0.44 17.47
CA THR A 221 -4.02 0.95 17.76
C THR A 221 -3.51 2.01 16.77
N ASP A 222 -2.21 1.97 16.55
CA ASP A 222 -1.54 2.70 15.48
C ASP A 222 -2.41 2.79 14.21
N TYR A 223 -2.80 1.62 13.68
CA TYR A 223 -3.68 1.49 12.50
C TYR A 223 -5.15 1.89 12.72
N PHE A 224 -5.80 1.30 13.74
CA PHE A 224 -7.24 1.49 13.96
C PHE A 224 -7.75 2.87 14.36
N SER A 225 -6.87 3.70 14.91
CA SER A 225 -7.27 5.05 15.38
C SER A 225 -7.30 6.06 14.25
N GLN A 226 -6.45 5.84 13.26
CA GLN A 226 -6.50 6.57 12.00
C GLN A 226 -7.82 6.34 11.26
N LEU A 227 -8.49 5.22 11.55
CA LEU A 227 -9.70 4.78 10.85
C LEU A 227 -10.94 4.87 11.72
N LYS A 228 -10.99 5.90 12.55
CA LYS A 228 -12.07 6.17 13.49
C LYS A 228 -13.40 6.23 12.81
N ASP A 229 -13.40 6.80 11.60
CA ASP A 229 -14.62 7.08 10.85
C ASP A 229 -15.15 5.81 10.19
N ASN A 230 -14.31 4.80 10.05
CA ASN A 230 -14.71 3.53 9.41
C ASN A 230 -15.38 2.60 10.41
N SER A 231 -16.55 3.02 10.86
CA SER A 231 -17.31 2.29 11.88
C SER A 231 -18.13 1.08 11.36
N ASN A 232 -18.09 0.82 10.04
CA ASN A 232 -18.73 -0.35 9.43
C ASN A 232 -17.63 -1.33 9.07
N ILE A 233 -17.76 -2.57 9.53
CA ILE A 233 -16.71 -3.56 9.30
C ILE A 233 -17.30 -4.78 8.68
N ILE A 234 -16.59 -5.27 7.65
CA ILE A 234 -16.70 -6.67 7.26
C ILE A 234 -15.53 -7.49 7.76
N LEU A 235 -15.88 -8.47 8.57
CA LEU A 235 -14.91 -9.43 9.06
C LEU A 235 -15.04 -10.79 8.33
N LEU A 236 -13.93 -11.34 7.86
CA LEU A 236 -13.93 -12.66 7.21
C LEU A 236 -12.92 -13.55 7.93
N GLY A 237 -13.33 -14.76 8.29
CA GLY A 237 -12.42 -15.74 8.89
C GLY A 237 -12.79 -17.17 8.56
N ASP A 238 -11.94 -18.12 8.90
CA ASP A 238 -12.35 -19.54 8.86
C ASP A 238 -12.23 -20.24 10.19
N SER A 239 -11.61 -19.60 11.17
CA SER A 239 -11.56 -20.20 12.51
C SER A 239 -12.39 -19.38 13.49
N GLN A 240 -12.77 -20.00 14.60
CA GLN A 240 -13.35 -19.25 15.71
C GLN A 240 -12.43 -18.08 16.24
N GLY A 241 -11.10 -18.26 16.16
CA GLY A 241 -10.14 -17.26 16.64
C GLY A 241 -10.12 -15.97 15.87
N ASP A 242 -10.55 -16.07 14.60
CA ASP A 242 -10.67 -14.95 13.71
C ASP A 242 -11.78 -14.01 14.16
N LEU A 243 -12.65 -14.44 15.05
CA LEU A 243 -13.73 -13.56 15.54
C LEU A 243 -13.23 -12.40 16.39
N ARG A 244 -12.01 -12.52 16.91
CA ARG A 244 -11.41 -11.52 17.78
C ARG A 244 -10.63 -10.48 16.97
N ALA A 246 -11.46 -8.02 15.26
CA ALA A 246 -11.95 -6.65 15.36
C ALA A 246 -11.97 -6.04 16.83
N ASP A 247 -11.27 -6.67 17.76
CA ASP A 247 -11.20 -6.17 19.15
C ASP A 247 -10.52 -4.80 19.31
N GLY A 248 -9.74 -4.40 18.32
CA GLY A 248 -9.05 -3.14 18.35
C GLY A 248 -9.78 -2.01 17.66
N VAL A 249 -11.01 -2.25 17.19
CA VAL A 249 -11.71 -1.16 16.50
C VAL A 249 -12.29 -0.06 17.43
N ALA A 250 -11.89 1.19 17.12
CA ALA A 250 -12.34 2.40 17.80
C ALA A 250 -13.84 2.38 18.19
N ASN A 251 -14.73 2.69 17.24
CA ASN A 251 -16.19 2.57 17.44
C ASN A 251 -16.82 1.72 16.35
N VAL A 252 -17.68 0.79 16.75
CA VAL A 252 -18.33 -0.11 15.78
C VAL A 252 -19.80 0.24 15.67
N GLU A 253 -20.23 0.60 14.47
CA GLU A 253 -21.65 0.84 14.19
C GLU A 253 -22.29 -0.44 13.64
N HIS A 254 -21.72 -1.00 12.57
CA HIS A 254 -22.20 -2.26 12.01
C HIS A 254 -21.01 -3.14 11.73
N ILE A 255 -21.12 -4.42 12.07
CA ILE A 255 -20.08 -5.40 11.77
C ILE A 255 -20.75 -6.65 11.19
N LEU A 256 -20.25 -7.16 10.07
CA LEU A 256 -20.75 -8.44 9.52
C LEU A 256 -19.61 -9.43 9.59
N LYS A 257 -19.88 -10.57 10.17
CA LYS A 257 -18.89 -11.60 10.38
C LYS A 257 -19.21 -12.77 9.45
N ILE A 258 -18.30 -13.06 8.51
CA ILE A 258 -18.52 -14.09 7.50
C ILE A 258 -17.48 -15.19 7.72
N GLY A 259 -17.97 -16.40 7.99
CA GLY A 259 -17.09 -17.49 8.29
C GLY A 259 -17.06 -18.58 7.24
N TYR A 260 -15.85 -18.89 6.78
CA TYR A 260 -15.65 -20.11 5.98
C TYR A 260 -15.55 -21.32 6.85
N LEU A 261 -16.54 -22.21 6.74
CA LEU A 261 -16.46 -23.54 7.37
C LEU A 261 -16.05 -24.61 6.36
N ASN A 262 -14.75 -24.93 6.36
CA ASN A 262 -14.10 -25.67 5.28
C ASN A 262 -14.02 -27.16 5.50
N ASP A 263 -14.36 -27.58 6.72
CA ASP A 263 -13.81 -28.79 7.30
C ASP A 263 -14.57 -29.05 8.58
N ARG A 264 -14.53 -30.27 9.09
CA ARG A 264 -15.16 -30.59 10.37
C ARG A 264 -16.59 -30.02 10.37
N VAL A 265 -17.33 -30.29 9.30
CA VAL A 265 -18.56 -29.54 9.07
C VAL A 265 -19.66 -29.88 10.07
N ASP A 266 -19.90 -31.17 10.31
CA ASP A 266 -20.94 -31.61 11.24
C ASP A 266 -20.66 -31.24 12.71
N GLU A 267 -19.41 -31.43 13.14
CA GLU A 267 -18.93 -30.95 14.43
C GLU A 267 -19.10 -29.42 14.67
N LEU A 268 -18.78 -28.60 13.66
CA LEU A 268 -18.66 -27.16 13.92
C LEU A 268 -19.80 -26.26 13.46
N LEU A 269 -20.70 -26.78 12.60
CA LEU A 269 -21.76 -25.97 11.95
C LEU A 269 -22.63 -25.14 12.90
N GLU A 270 -23.07 -25.74 13.99
CA GLU A 270 -23.88 -25.01 14.98
C GLU A 270 -23.08 -23.90 15.66
N LYS A 271 -21.84 -24.21 16.04
CA LYS A 271 -21.03 -23.19 16.69
C LYS A 271 -20.75 -22.04 15.73
N TYR A 272 -20.45 -22.37 14.47
CA TYR A 272 -20.25 -21.37 13.42
C TYR A 272 -21.50 -20.53 13.11
N ASP A 274 -23.98 -19.91 15.10
CA ASP A 274 -24.21 -19.08 16.27
C ASP A 274 -23.23 -17.91 16.43
N SER A 275 -22.01 -18.06 15.95
CA SER A 275 -20.96 -17.02 16.15
C SER A 275 -20.69 -16.15 14.95
N TYR A 276 -20.75 -16.73 13.75
CA TYR A 276 -20.62 -15.89 12.56
C TYR A 276 -22.02 -15.58 12.10
N ASP A 277 -22.24 -14.41 11.48
CA ASP A 277 -23.54 -14.05 10.90
C ASP A 277 -23.91 -14.88 9.63
N ILE A 278 -22.94 -14.98 8.71
CA ILE A 278 -23.02 -15.81 7.51
C ILE A 278 -21.95 -16.87 7.59
N VAL A 279 -22.34 -18.12 7.32
CA VAL A 279 -21.41 -19.27 7.28
C VAL A 279 -21.37 -19.81 5.85
N LEU A 280 -20.17 -19.94 5.29
CA LEU A 280 -19.98 -20.41 3.92
C LEU A 280 -19.36 -21.79 3.90
N VAL A 281 -20.20 -22.80 3.73
CA VAL A 281 -19.80 -24.20 3.88
C VAL A 281 -19.11 -24.75 2.63
N LYS A 282 -17.83 -25.11 2.78
CA LYS A 282 -17.04 -25.76 1.71
C LYS A 282 -17.09 -24.93 0.44
N GLU A 283 -16.81 -23.64 0.59
CA GLU A 283 -17.01 -22.65 -0.46
C GLU A 283 -15.68 -22.01 -0.82
N GLU A 284 -15.37 -22.05 -2.12
CA GLU A 284 -14.07 -21.60 -2.58
C GLU A 284 -14.10 -20.31 -3.36
N SER A 285 -15.16 -19.55 -3.22
CA SER A 285 -15.25 -18.22 -3.87
C SER A 285 -15.53 -17.11 -2.87
N LEU A 286 -15.47 -15.86 -3.36
CA LEU A 286 -15.70 -14.65 -2.55
C LEU A 286 -16.97 -13.92 -2.98
N GLU A 287 -17.84 -14.63 -3.70
CA GLU A 287 -18.99 -14.01 -4.35
C GLU A 287 -20.06 -13.43 -3.41
N VAL A 288 -20.29 -14.07 -2.26
CA VAL A 288 -21.19 -13.52 -1.27
C VAL A 288 -20.70 -12.17 -0.72
N VAL A 289 -19.41 -12.09 -0.35
CA VAL A 289 -18.83 -10.81 0.05
C VAL A 289 -18.78 -9.80 -1.10
N ASN A 290 -18.33 -10.21 -2.29
CA ASN A 290 -18.45 -9.34 -3.49
C ASN A 290 -19.86 -8.82 -3.76
N SER A 291 -20.86 -9.68 -3.62
CA SER A 291 -22.24 -9.23 -3.80
C SER A 291 -22.66 -8.15 -2.77
N ILE A 292 -22.10 -8.21 -1.56
CA ILE A 292 -22.36 -7.22 -0.51
C ILE A 292 -21.59 -5.94 -0.84
N LEU A 293 -20.33 -6.10 -1.26
CA LEU A 293 -19.55 -4.94 -1.76
C LEU A 293 -20.23 -4.19 -2.90
N GLN A 294 -20.89 -4.94 -3.80
CA GLN A 294 -21.54 -4.40 -4.97
C GLN A 294 -22.72 -3.50 -4.59
N LYS A 295 -23.57 -3.98 -3.69
CA LYS A 295 -24.65 -3.17 -3.11
C LYS A 295 -24.10 -1.94 -2.37
N THR A 296 -22.98 -2.11 -1.65
CA THR A 296 -22.44 -1.11 -0.74
C THR A 296 -21.59 -0.06 -1.43
N LEU A 297 -20.71 -0.45 -2.33
CA LEU A 297 -19.70 0.51 -2.77
C LEU A 297 -20.22 1.53 -3.77
N ALA B 7 30.68 -3.76 -14.05
CA ALA B 7 31.10 -2.33 -14.17
C ALA B 7 30.06 -1.54 -14.98
N VAL B 8 29.81 -0.28 -14.60
CA VAL B 8 28.78 0.53 -15.25
C VAL B 8 29.35 1.55 -16.22
N HIS B 9 28.79 1.59 -17.42
CA HIS B 9 29.22 2.49 -18.48
C HIS B 9 28.01 3.15 -19.09
N LEU B 10 27.84 4.43 -18.82
CA LEU B 10 26.69 5.19 -19.33
C LEU B 10 26.77 5.27 -20.82
N LYS B 11 27.98 5.12 -21.32
CA LYS B 11 28.27 5.07 -22.74
C LYS B 11 27.48 3.94 -23.42
N PRO B 14 21.87 3.05 -23.96
CA PRO B 14 21.24 3.88 -25.01
C PRO B 14 20.31 4.94 -24.42
N GLU B 15 19.70 4.63 -23.28
CA GLU B 15 18.86 5.58 -22.57
C GLU B 15 19.60 6.85 -22.13
N PHE B 16 20.91 6.76 -21.92
CA PHE B 16 21.75 7.88 -21.47
C PHE B 16 22.35 8.70 -22.60
N GLN B 17 22.08 8.24 -23.83
CA GLN B 17 22.59 8.90 -25.02
C GLN B 17 21.58 9.90 -25.57
N LYS B 18 20.35 9.82 -25.07
CA LYS B 18 19.29 10.77 -25.41
C LYS B 18 19.76 12.21 -25.13
N SER B 19 19.44 13.14 -26.03
CA SER B 19 20.00 14.49 -25.95
C SER B 19 19.44 15.34 -24.80
N SER B 20 18.44 14.81 -24.12
CA SER B 20 17.83 15.45 -22.96
C SER B 20 18.63 15.18 -21.67
N VAL B 21 19.46 14.14 -21.71
CA VAL B 21 20.33 13.73 -20.60
C VAL B 21 21.54 14.68 -20.42
N ARG B 22 21.56 15.45 -19.33
CA ARG B 22 22.75 16.27 -18.99
C ARG B 22 23.41 15.81 -17.68
N ILE B 23 24.67 15.43 -17.77
CA ILE B 23 25.42 14.93 -16.62
C ILE B 23 26.74 15.70 -16.54
N LYS B 24 26.93 16.42 -15.44
CA LYS B 24 28.17 17.15 -15.20
C LYS B 24 29.31 16.18 -14.90
N ASN B 25 29.00 15.16 -14.12
CA ASN B 25 30.02 14.28 -13.60
C ASN B 25 29.76 12.80 -13.85
N PRO B 26 29.99 12.33 -15.10
CA PRO B 26 29.63 10.96 -15.52
C PRO B 26 30.34 9.84 -14.72
N THR B 27 31.63 10.00 -14.42
CA THR B 27 32.37 9.00 -13.62
C THR B 27 31.80 8.85 -12.21
N ARG B 28 31.47 9.99 -11.60
CA ARG B 28 30.79 10.05 -10.30
C ARG B 28 29.43 9.34 -10.36
N VAL B 29 28.61 9.68 -11.35
CA VAL B 29 27.31 9.01 -11.61
C VAL B 29 27.45 7.49 -11.78
N GLU B 30 28.45 7.07 -12.57
CA GLU B 30 28.74 5.64 -12.76
C GLU B 30 29.08 4.93 -11.48
N GLU B 31 29.88 5.58 -10.62
CA GLU B 31 30.19 5.00 -9.32
C GLU B 31 28.97 4.87 -8.40
N ILE B 32 28.07 5.85 -8.40
CA ILE B 32 26.81 5.75 -7.62
C ILE B 32 25.91 4.60 -8.09
N ILE B 33 25.61 4.56 -9.40
CA ILE B 33 24.84 3.48 -10.01
C ILE B 33 25.50 2.12 -9.73
N CYS B 34 26.82 2.08 -9.79
CA CYS B 34 27.56 0.90 -9.39
C CYS B 34 27.27 0.44 -7.94
N GLY B 35 27.13 1.39 -7.01
CA GLY B 35 26.75 1.07 -5.62
C GLY B 35 25.31 0.62 -5.53
N LEU B 36 24.43 1.31 -6.26
CA LEU B 36 23.02 0.90 -6.35
C LEU B 36 22.87 -0.55 -6.80
N ILE B 37 23.61 -0.92 -7.83
CA ILE B 37 23.60 -2.25 -8.40
C ILE B 37 24.09 -3.28 -7.39
N LYS B 38 25.22 -2.97 -6.74
CA LYS B 38 25.82 -3.86 -5.76
C LYS B 38 24.87 -4.21 -4.62
N GLY B 39 24.15 -3.20 -4.13
CA GLY B 39 23.21 -3.35 -3.03
C GLY B 39 21.94 -4.08 -3.43
N GLY B 40 21.51 -3.91 -4.67
CA GLY B 40 20.36 -4.62 -5.20
C GLY B 40 19.08 -4.13 -4.57
N ALA B 41 18.04 -4.96 -4.66
CA ALA B 41 16.70 -4.69 -4.12
C ALA B 41 16.73 -4.38 -2.62
N ALA B 42 17.41 -5.24 -1.87
CA ALA B 42 17.51 -5.18 -0.41
C ALA B 42 17.84 -3.80 0.19
N LYS B 43 18.64 -3.01 -0.52
CA LYS B 43 19.13 -1.73 0.00
C LYS B 43 18.50 -0.52 -0.63
N LEU B 44 17.52 -0.72 -1.50
CA LEU B 44 17.00 0.39 -2.28
C LEU B 44 15.67 0.93 -1.79
N GLN B 45 15.54 2.25 -1.86
CA GLN B 45 14.27 2.95 -1.74
C GLN B 45 14.28 4.16 -2.67
N ILE B 46 13.08 4.61 -3.00
CA ILE B 46 12.85 5.72 -3.90
C ILE B 46 12.18 6.76 -3.06
N ILE B 47 12.60 8.01 -3.31
CA ILE B 47 12.03 9.20 -2.69
C ILE B 47 11.76 10.12 -3.86
N THR B 48 10.51 10.55 -4.01
CA THR B 48 10.12 11.15 -5.23
C THR B 48 9.13 12.26 -5.04
N ASP B 49 9.37 13.35 -5.75
CA ASP B 49 8.32 14.34 -5.92
C ASP B 49 7.20 13.82 -6.86
N PHE B 50 6.04 14.47 -6.87
CA PHE B 50 5.00 14.04 -7.80
C PHE B 50 4.88 14.94 -9.02
N ASP B 51 4.35 16.14 -8.82
CA ASP B 51 3.96 17.07 -9.89
C ASP B 51 5.12 17.42 -10.79
N THR B 53 7.25 15.62 -11.98
CA THR B 53 8.28 14.60 -11.85
C THR B 53 7.74 13.23 -12.26
N LEU B 54 6.69 12.78 -11.58
CA LEU B 54 6.03 11.52 -11.96
C LEU B 54 4.97 11.76 -13.06
N SER B 55 4.40 12.96 -13.03
CA SER B 55 3.47 13.42 -14.03
C SER B 55 4.18 14.25 -15.13
N ARG B 56 3.48 14.49 -16.23
CA ARG B 56 4.08 15.22 -17.34
C ARG B 56 3.92 16.73 -17.15
N PHE B 57 4.92 17.47 -17.61
CA PHE B 57 4.87 18.92 -17.68
C PHE B 57 4.11 19.36 -18.92
N SER B 58 4.23 18.59 -20.00
CA SER B 58 3.53 18.88 -21.26
C SER B 58 3.18 17.64 -22.11
N TYR B 59 2.00 17.68 -22.72
CA TYR B 59 1.63 16.72 -23.77
C TYR B 59 1.53 17.41 -25.15
N ASN B 60 0.50 17.03 -25.94
CA ASN B 60 0.35 17.44 -27.37
C ASN B 60 0.56 18.92 -27.65
N GLY B 61 1.75 19.43 -27.33
CA GLY B 61 2.01 20.88 -27.34
C GLY B 61 1.22 21.57 -26.24
N LYS B 62 0.85 20.80 -25.22
CA LYS B 62 -0.04 21.31 -24.21
C LYS B 62 0.54 21.13 -22.80
N ARG B 63 0.18 22.06 -21.94
CA ARG B 63 0.69 22.20 -20.60
C ARG B 63 -0.21 21.35 -19.73
N CYS B 64 0.38 20.37 -19.04
CA CYS B 64 -0.35 19.43 -18.20
C CYS B 64 -0.60 19.99 -16.80
N PRO B 65 -1.68 19.54 -16.11
CA PRO B 65 -2.03 20.04 -14.79
C PRO B 65 -1.25 19.38 -13.62
N THR B 66 -0.98 20.20 -12.60
CA THR B 66 -0.61 19.72 -11.26
C THR B 66 -1.89 19.25 -10.55
N CYS B 67 -1.73 18.48 -9.47
CA CYS B 67 -2.85 18.10 -8.57
C CYS B 67 -3.75 19.25 -8.14
N HIS B 68 -3.14 20.40 -7.87
CA HIS B 68 -3.87 21.65 -7.61
C HIS B 68 -4.62 22.11 -8.86
N ASN B 69 -3.97 22.08 -10.03
CA ASN B 69 -4.61 22.50 -11.30
C ASN B 69 -5.87 21.70 -11.65
N ILE B 70 -5.86 20.42 -11.28
CA ILE B 70 -6.96 19.49 -11.50
C ILE B 70 -8.25 20.00 -10.83
N ILE B 71 -8.14 20.54 -9.61
CA ILE B 71 -9.29 21.14 -8.89
C ILE B 71 -9.63 22.52 -9.43
N ASP B 72 -8.61 23.33 -9.66
CA ASP B 72 -8.77 24.67 -10.24
C ASP B 72 -9.61 24.59 -11.51
N ASN B 73 -9.34 23.57 -12.33
CA ASN B 73 -9.91 23.48 -13.66
C ASN B 73 -11.24 22.74 -13.71
N CYS B 74 -11.59 22.02 -12.66
CA CYS B 74 -12.78 21.20 -12.69
C CYS B 74 -14.09 21.99 -12.70
N LYS B 75 -15.17 21.28 -13.00
CA LYS B 75 -16.48 21.85 -13.23
C LYS B 75 -17.09 22.35 -11.91
N LEU B 76 -16.49 21.91 -10.81
CA LEU B 76 -16.94 22.27 -9.47
C LEU B 76 -16.46 23.64 -8.97
N VAL B 77 -15.55 24.29 -9.70
CA VAL B 77 -15.09 25.64 -9.33
C VAL B 77 -15.41 26.70 -10.41
N THR B 78 -15.89 27.86 -9.98
CA THR B 78 -16.32 28.92 -10.91
C THR B 78 -15.15 29.51 -11.71
N ASP B 79 -15.50 30.16 -12.82
CA ASP B 79 -14.56 30.96 -13.60
C ASP B 79 -13.99 32.09 -12.76
N GLU B 80 -14.84 32.65 -11.88
CA GLU B 80 -14.44 33.72 -10.97
C GLU B 80 -13.46 33.25 -9.89
N CYS B 81 -13.60 32.02 -9.44
CA CYS B 81 -12.58 31.44 -8.58
C CYS B 81 -11.27 31.29 -9.34
N ARG B 82 -11.33 30.82 -10.58
CA ARG B 82 -10.15 30.71 -11.43
C ARG B 82 -9.49 32.05 -11.77
N ARG B 83 -10.23 33.15 -11.75
CA ARG B 83 -9.60 34.47 -11.94
C ARG B 83 -8.78 34.86 -10.71
N LYS B 84 -9.31 34.55 -9.54
CA LYS B 84 -8.59 34.78 -8.28
C LYS B 84 -7.33 33.93 -8.21
N LEU B 85 -7.49 32.63 -8.46
CA LEU B 85 -6.38 31.70 -8.46
C LEU B 85 -5.27 32.15 -9.42
N LEU B 86 -5.65 32.57 -10.62
CA LEU B 86 -4.69 33.07 -11.60
C LEU B 86 -3.93 34.29 -11.08
N GLN B 87 -4.64 35.25 -10.51
CA GLN B 87 -4.01 36.45 -9.97
C GLN B 87 -3.03 36.12 -8.84
N LEU B 88 -3.45 35.26 -7.92
CA LEU B 88 -2.55 34.72 -6.87
C LEU B 88 -1.23 34.16 -7.43
N LYS B 89 -1.35 33.35 -8.49
CA LYS B 89 -0.20 32.72 -9.17
C LYS B 89 0.75 33.77 -9.74
N GLU B 90 0.17 34.79 -10.37
CA GLU B 90 0.94 35.85 -11.00
C GLU B 90 1.78 36.62 -9.96
N GLN B 91 1.16 36.94 -8.83
CA GLN B 91 1.82 37.70 -7.75
C GLN B 91 2.85 36.83 -7.03
N TYR B 92 2.45 35.61 -6.69
CA TYR B 92 3.29 34.75 -5.88
C TYR B 92 4.32 33.93 -6.64
N TYR B 93 4.08 33.67 -7.93
CA TYR B 93 5.08 32.94 -8.71
C TYR B 93 6.25 33.86 -9.00
N ALA B 94 5.96 35.15 -9.20
CA ALA B 94 7.00 36.16 -9.38
C ALA B 94 7.93 36.19 -8.17
N ILE B 95 7.37 35.88 -7.00
CA ILE B 95 8.13 35.84 -5.76
C ILE B 95 8.94 34.54 -5.73
N GLU B 96 8.27 33.39 -5.83
CA GLU B 96 8.94 32.11 -6.01
C GLU B 96 10.22 32.16 -6.85
N VAL B 97 10.15 32.83 -8.00
CA VAL B 97 11.24 32.76 -8.97
C VAL B 97 12.12 33.97 -8.94
N ASP B 98 11.86 34.88 -8.00
CA ASP B 98 12.62 36.14 -7.85
C ASP B 98 14.09 35.79 -7.61
N PRO B 99 14.99 36.28 -8.45
CA PRO B 99 16.39 35.88 -8.31
C PRO B 99 17.13 36.56 -7.14
N VAL B 100 16.58 37.68 -6.63
CA VAL B 100 17.24 38.46 -5.55
C VAL B 100 16.96 37.96 -4.12
N LEU B 101 15.79 37.35 -3.90
CA LEU B 101 15.41 36.88 -2.58
C LEU B 101 16.03 35.53 -2.24
N THR B 102 16.45 35.37 -0.99
CA THR B 102 16.95 34.09 -0.47
C THR B 102 15.77 33.13 -0.34
N VAL B 103 16.01 31.83 -0.50
CA VAL B 103 14.94 30.83 -0.35
C VAL B 103 14.19 31.01 0.96
N GLU B 104 14.94 31.36 2.02
CA GLU B 104 14.41 31.61 3.36
C GLU B 104 13.42 32.78 3.39
N GLU B 105 13.79 33.91 2.75
CA GLU B 105 12.88 35.06 2.56
C GLU B 105 11.57 34.73 1.82
N LYS B 106 11.54 33.65 1.04
CA LYS B 106 10.36 33.25 0.27
C LYS B 106 9.38 32.36 1.02
N PHE B 107 9.86 31.71 2.08
CA PHE B 107 9.02 30.85 2.93
C PHE B 107 7.66 31.45 3.24
N PRO B 108 7.63 32.65 3.90
CA PRO B 108 6.33 33.20 4.29
C PRO B 108 5.39 33.52 3.12
N TYR B 109 5.98 33.93 1.99
CA TYR B 109 5.22 34.18 0.76
C TYR B 109 4.56 32.91 0.24
N VAL B 111 3.83 30.05 2.03
CA VAL B 111 2.79 29.75 3.01
C VAL B 111 1.50 30.54 2.68
N GLU B 112 1.63 31.85 2.43
CA GLU B 112 0.50 32.74 2.06
C GLU B 112 -0.19 32.28 0.80
N TRP B 113 0.60 32.00 -0.24
CA TRP B 113 0.07 31.54 -1.51
C TRP B 113 -0.78 30.27 -1.39
N TYR B 114 -0.18 29.19 -0.89
CA TYR B 114 -0.89 27.91 -0.69
C TYR B 114 -2.12 28.02 0.22
N THR B 115 -2.04 28.87 1.26
CA THR B 115 -3.13 29.13 2.20
C THR B 115 -4.26 29.94 1.59
N LYS B 116 -3.92 30.93 0.77
CA LYS B 116 -4.92 31.69 0.04
C LYS B 116 -5.64 30.82 -1.01
N SER B 117 -4.86 30.10 -1.81
CA SER B 117 -5.39 29.26 -2.90
C SER B 117 -6.17 28.05 -2.40
N HIS B 118 -5.65 27.37 -1.36
CA HIS B 118 -6.44 26.33 -0.67
C HIS B 118 -7.73 26.92 -0.14
N GLY B 119 -7.65 28.15 0.35
CA GLY B 119 -8.79 28.83 0.97
C GLY B 119 -9.92 29.17 0.01
N LEU B 120 -9.55 29.47 -1.23
CA LEU B 120 -10.53 29.68 -2.28
C LEU B 120 -11.17 28.35 -2.65
N LEU B 121 -10.38 27.27 -2.69
CA LEU B 121 -10.95 25.94 -2.98
C LEU B 121 -11.94 25.50 -1.94
N ILE B 122 -11.61 25.74 -0.66
CA ILE B 122 -12.53 25.45 0.45
C ILE B 122 -13.87 26.19 0.27
N GLU B 123 -13.82 27.38 -0.34
CA GLU B 123 -15.02 28.17 -0.59
C GLU B 123 -15.90 27.58 -1.69
N GLN B 124 -15.27 26.96 -2.70
CA GLN B 124 -15.98 26.31 -3.80
C GLN B 124 -16.82 25.09 -3.39
N GLY B 125 -16.43 24.41 -2.31
CA GLY B 125 -17.22 23.29 -1.77
C GLY B 125 -16.95 21.99 -2.51
N ILE B 126 -15.79 21.40 -2.28
CA ILE B 126 -15.35 20.18 -2.95
C ILE B 126 -15.71 18.90 -2.16
N PRO B 127 -16.68 18.10 -2.68
CA PRO B 127 -17.00 16.82 -2.05
C PRO B 127 -15.96 15.73 -2.33
N LYS B 128 -15.69 14.89 -1.34
CA LYS B 128 -14.79 13.76 -1.49
C LYS B 128 -15.24 12.79 -2.60
N ALA B 129 -16.53 12.43 -2.59
CA ALA B 129 -17.11 11.44 -3.50
C ALA B 129 -16.96 11.82 -4.97
N LYS B 130 -16.87 13.12 -5.23
CA LYS B 130 -16.72 13.64 -6.58
C LYS B 130 -15.30 13.63 -7.13
N LEU B 131 -14.29 13.32 -6.31
CA LEU B 131 -12.86 13.44 -6.72
C LEU B 131 -12.46 12.44 -7.80
N LYS B 132 -13.04 11.24 -7.72
CA LYS B 132 -12.90 10.22 -8.74
C LYS B 132 -13.23 10.76 -10.15
N GLU B 133 -14.44 11.29 -10.31
CA GLU B 133 -14.90 11.91 -11.57
C GLU B 133 -14.00 13.06 -12.02
N ILE B 134 -13.74 14.00 -11.10
CA ILE B 134 -12.91 15.17 -11.38
C ILE B 134 -11.59 14.74 -12.02
N VAL B 135 -10.94 13.74 -11.41
CA VAL B 135 -9.66 13.21 -11.88
C VAL B 135 -9.79 12.50 -13.23
N ALA B 136 -10.85 11.70 -13.41
CA ALA B 136 -11.12 10.98 -14.67
C ALA B 136 -11.31 11.95 -15.84
N ASP B 137 -11.97 13.06 -15.57
CA ASP B 137 -12.24 14.08 -16.58
C ASP B 137 -11.08 15.05 -16.78
N SER B 138 -10.00 14.89 -16.01
CA SER B 138 -8.94 15.89 -16.00
C SER B 138 -7.94 15.63 -17.14
N ASP B 139 -7.07 16.60 -17.38
CA ASP B 139 -6.00 16.43 -18.38
C ASP B 139 -4.68 15.87 -17.84
N VAL B 140 -4.73 15.16 -16.71
CA VAL B 140 -3.51 14.69 -16.05
C VAL B 140 -2.80 13.57 -16.83
N LEU B 142 0.65 10.81 -16.66
CA LEU B 142 1.86 10.28 -16.06
C LEU B 142 2.95 10.15 -17.12
N LYS B 143 4.20 10.22 -16.68
CA LYS B 143 5.32 10.14 -17.58
C LYS B 143 5.39 8.79 -18.31
N GLU B 144 5.88 8.85 -19.55
CA GLU B 144 6.08 7.67 -20.37
C GLU B 144 6.96 6.71 -19.56
N GLY B 145 6.52 5.47 -19.42
CA GLY B 145 7.24 4.48 -18.64
C GLY B 145 6.78 4.25 -17.21
N TYR B 146 5.68 4.88 -16.82
CA TYR B 146 5.20 4.81 -15.43
C TYR B 146 4.80 3.38 -15.02
N GLU B 147 4.18 2.66 -15.94
CA GLU B 147 3.71 1.32 -15.64
C GLU B 147 4.92 0.43 -15.28
N ASN B 148 5.98 0.62 -16.03
CA ASN B 148 7.23 -0.06 -15.79
C ASN B 148 7.94 0.36 -14.51
N PHE B 149 8.02 1.67 -14.30
CA PHE B 149 8.57 2.24 -13.10
C PHE B 149 7.94 1.60 -11.85
N PHE B 150 6.62 1.74 -11.71
CA PHE B 150 5.95 1.32 -10.51
C PHE B 150 5.85 -0.19 -10.38
N GLY B 151 5.76 -0.86 -11.54
CA GLY B 151 5.65 -2.32 -11.63
C GLY B 151 6.92 -3.09 -11.28
N LYS B 152 8.06 -2.63 -11.75
CA LYS B 152 9.32 -3.21 -11.28
C LYS B 152 9.49 -2.97 -9.79
N LEU B 153 9.17 -1.77 -9.35
CA LEU B 153 9.28 -1.39 -7.94
C LEU B 153 8.40 -2.27 -7.05
N GLN B 154 7.10 -2.37 -7.36
CA GLN B 154 6.22 -3.25 -6.61
C GLN B 154 6.63 -4.72 -6.71
N GLN B 155 7.15 -5.14 -7.88
CA GLN B 155 7.57 -6.53 -8.08
C GLN B 155 8.69 -6.96 -7.09
N HIS B 156 9.56 -6.01 -6.76
CA HIS B 156 10.69 -6.26 -5.87
C HIS B 156 10.51 -5.68 -4.45
N GLY B 157 9.31 -5.15 -4.22
CA GLY B 157 8.87 -4.62 -2.92
C GLY B 157 9.61 -3.37 -2.45
N ILE B 158 10.12 -2.59 -3.40
CA ILE B 158 10.95 -1.42 -3.11
C ILE B 158 10.05 -0.28 -2.57
N PRO B 159 10.42 0.28 -1.42
CA PRO B 159 9.81 1.46 -0.85
C PRO B 159 9.83 2.66 -1.80
N VAL B 160 8.68 3.30 -1.97
CA VAL B 160 8.50 4.47 -2.79
C VAL B 160 7.77 5.48 -1.89
N PHE B 161 8.41 6.62 -1.67
CA PHE B 161 7.88 7.63 -0.77
C PHE B 161 7.67 8.80 -1.67
N ILE B 162 6.40 9.03 -2.04
CA ILE B 162 6.05 10.17 -2.87
C ILE B 162 5.81 11.33 -1.92
N PHE B 163 6.61 12.39 -2.06
CA PHE B 163 6.61 13.51 -1.13
C PHE B 163 6.15 14.76 -1.85
N SER B 164 4.90 15.15 -1.62
CA SER B 164 4.30 16.14 -2.51
C SER B 164 3.70 17.38 -1.82
N ALA B 165 4.08 18.55 -2.31
CA ALA B 165 3.42 19.81 -1.94
C ALA B 165 2.12 20.03 -2.67
N GLY B 166 1.62 19.01 -3.37
CA GLY B 166 0.34 19.08 -4.07
C GLY B 166 -0.84 18.82 -3.16
N ILE B 167 -1.90 18.24 -3.71
CA ILE B 167 -3.03 17.76 -2.93
C ILE B 167 -2.99 16.22 -2.91
N GLY B 168 -2.90 15.63 -1.72
CA GLY B 168 -2.73 14.19 -1.57
C GLY B 168 -3.90 13.32 -2.02
N ASP B 169 -5.11 13.81 -1.78
CA ASP B 169 -6.35 13.14 -2.24
C ASP B 169 -6.42 13.01 -3.78
N VAL B 170 -6.06 14.09 -4.46
CA VAL B 170 -5.98 14.17 -5.91
C VAL B 170 -4.90 13.23 -6.49
N LEU B 171 -3.68 13.35 -5.96
CA LEU B 171 -2.52 12.50 -6.29
C LEU B 171 -2.83 10.99 -6.18
N GLU B 172 -3.47 10.60 -5.08
CA GLU B 172 -3.79 9.23 -4.86
C GLU B 172 -4.80 8.71 -5.88
N GLU B 173 -5.78 9.56 -6.22
CA GLU B 173 -6.80 9.21 -7.22
C GLU B 173 -6.20 9.04 -8.61
N VAL B 174 -5.32 9.95 -9.01
CA VAL B 174 -4.51 9.79 -10.22
C VAL B 174 -3.80 8.42 -10.31
N ILE B 175 -3.01 8.09 -9.29
CA ILE B 175 -2.25 6.83 -9.30
C ILE B 175 -3.12 5.58 -9.11
N ARG B 176 -4.23 5.73 -8.38
CA ARG B 176 -5.23 4.67 -8.26
C ARG B 176 -5.91 4.39 -9.61
N GLN B 177 -6.36 5.44 -10.30
CA GLN B 177 -6.96 5.26 -11.63
C GLN B 177 -5.94 4.75 -12.65
N ALA B 178 -4.66 4.98 -12.40
CA ALA B 178 -3.62 4.47 -13.29
C ALA B 178 -3.21 3.03 -13.00
N GLY B 179 -3.73 2.45 -11.91
CA GLY B 179 -3.35 1.12 -11.47
C GLY B 179 -1.94 0.94 -10.91
N VAL B 180 -1.32 2.02 -10.45
CA VAL B 180 0.06 2.00 -9.90
C VAL B 180 0.14 2.40 -8.38
N TYR B 181 -0.99 2.53 -7.71
CA TYR B 181 -0.94 2.83 -6.28
C TYR B 181 -0.81 1.52 -5.48
N HIS B 182 0.38 0.90 -5.57
CA HIS B 182 0.63 -0.39 -4.93
C HIS B 182 0.99 -0.22 -3.46
N SER B 183 1.12 -1.34 -2.73
CA SER B 183 1.42 -1.34 -1.30
C SER B 183 2.75 -0.68 -0.93
N ASN B 184 3.70 -0.74 -1.85
CA ASN B 184 5.06 -0.21 -1.65
C ASN B 184 5.09 1.32 -1.76
N VAL B 185 3.96 1.93 -2.12
CA VAL B 185 3.92 3.37 -2.38
C VAL B 185 3.32 4.11 -1.19
N LYS B 186 4.13 4.92 -0.48
CA LYS B 186 3.60 5.73 0.61
C LYS B 186 3.45 7.16 0.08
N VAL B 187 2.32 7.80 0.37
CA VAL B 187 2.10 9.17 -0.05
C VAL B 187 2.04 10.17 1.14
N VAL B 188 3.00 11.09 1.17
CA VAL B 188 2.99 12.22 2.11
C VAL B 188 2.62 13.55 1.39
N SER B 189 1.45 14.10 1.63
CA SER B 189 1.10 15.35 0.96
C SER B 189 0.21 16.25 1.81
N ASN B 190 -0.29 17.34 1.20
CA ASN B 190 -1.36 18.12 1.83
C ASN B 190 -2.73 17.47 1.61
N PHE B 191 -3.20 16.75 2.62
CA PHE B 191 -4.48 16.07 2.51
C PHE B 191 -5.63 16.95 2.95
N ASP B 193 -9.29 17.88 4.52
CA ASP B 193 -9.98 17.62 5.76
C ASP B 193 -11.45 17.87 5.46
N PHE B 194 -12.27 16.86 5.69
CA PHE B 194 -13.67 16.89 5.27
C PHE B 194 -14.59 17.07 6.48
N ASP B 195 -15.76 17.67 6.26
CA ASP B 195 -16.75 17.83 7.32
C ASP B 195 -17.77 16.69 7.27
N GLU B 196 -18.76 16.75 8.17
CA GLU B 196 -19.80 15.72 8.34
C GLU B 196 -20.35 15.15 7.01
N ASN B 197 -20.64 16.05 6.06
CA ASN B 197 -21.19 15.70 4.74
C ASN B 197 -20.15 15.24 3.69
N GLY B 198 -18.88 15.17 4.09
CA GLY B 198 -17.80 14.78 3.18
C GLY B 198 -17.51 15.87 2.17
N VAL B 199 -17.60 17.12 2.64
CA VAL B 199 -17.26 18.31 1.86
C VAL B 199 -15.95 18.85 2.43
N LEU B 200 -15.11 19.45 1.59
CA LEU B 200 -13.81 19.96 2.03
C LEU B 200 -13.96 21.16 2.96
N LYS B 201 -13.32 21.12 4.14
CA LYS B 201 -13.32 22.29 5.08
C LYS B 201 -11.94 22.91 5.37
N GLY B 202 -10.88 22.17 5.05
CA GLY B 202 -9.51 22.61 5.25
C GLY B 202 -8.53 21.50 4.90
N PHE B 203 -7.29 21.67 5.36
CA PHE B 203 -6.23 20.70 5.07
C PHE B 203 -5.60 20.19 6.38
N LYS B 204 -5.28 18.90 6.40
CA LYS B 204 -4.66 18.24 7.54
C LYS B 204 -3.15 18.53 7.69
N GLY B 205 -2.73 18.58 8.94
CA GLY B 205 -1.32 18.60 9.32
C GLY B 205 -0.70 19.96 9.11
N GLU B 206 0.59 19.95 8.83
CA GLU B 206 1.33 21.16 8.52
C GLU B 206 1.60 21.21 7.04
N LEU B 207 1.61 22.42 6.49
CA LEU B 207 1.67 22.64 5.07
C LEU B 207 2.99 22.18 4.47
N ILE B 208 2.91 21.35 3.44
CA ILE B 208 4.09 21.08 2.65
C ILE B 208 4.04 22.03 1.48
N HIS B 209 5.10 22.82 1.30
CA HIS B 209 5.22 23.65 0.12
C HIS B 209 6.57 23.38 -0.57
N VAL B 210 6.87 24.11 -1.65
CA VAL B 210 8.06 23.84 -2.46
C VAL B 210 9.39 23.99 -1.71
N PHE B 211 9.43 24.88 -0.71
CA PHE B 211 10.72 25.15 -0.05
C PHE B 211 10.95 24.49 1.31
N ASN B 212 9.94 23.82 1.88
CA ASN B 212 10.10 23.30 3.24
C ASN B 212 10.07 21.81 3.36
N LYS B 213 10.50 21.09 2.32
CA LYS B 213 10.45 19.64 2.40
C LYS B 213 11.47 19.06 3.41
N HIS B 214 12.48 19.83 3.80
CA HIS B 214 13.34 19.41 4.92
C HIS B 214 12.53 19.11 6.19
N ASP B 215 11.60 20.02 6.52
CA ASP B 215 10.71 19.84 7.66
C ASP B 215 9.92 18.52 7.61
N GLY B 216 9.08 18.37 6.59
CA GLY B 216 8.30 17.14 6.45
C GLY B 216 9.15 15.91 6.40
N ALA B 217 10.32 16.02 5.78
CA ALA B 217 11.26 14.90 5.64
C ALA B 217 11.73 14.41 7.01
N LEU B 218 12.02 15.36 7.90
CA LEU B 218 12.40 15.05 9.31
C LEU B 218 11.23 14.59 10.16
N LYS B 219 10.02 15.06 9.85
CA LYS B 219 8.83 14.64 10.59
C LYS B 219 8.23 13.32 10.10
N ASN B 220 9.03 12.52 9.41
CA ASN B 220 8.58 11.21 8.89
C ASN B 220 9.51 10.07 9.29
N THR B 221 10.31 10.34 10.32
CA THR B 221 10.92 9.36 11.24
C THR B 221 10.22 8.01 11.31
N ASP B 222 8.93 8.08 11.65
CA ASP B 222 8.04 6.93 11.65
C ASP B 222 8.30 6.00 10.45
N TYR B 223 8.33 6.57 9.24
CA TYR B 223 8.60 5.83 8.01
C TYR B 223 10.08 5.43 7.82
N PHE B 224 10.98 6.41 7.91
CA PHE B 224 12.39 6.20 7.58
C PHE B 224 13.22 5.28 8.48
N SER B 225 12.77 5.08 9.73
CA SER B 225 13.51 4.24 10.70
C SER B 225 13.21 2.77 10.49
N GLN B 226 12.01 2.48 10.01
CA GLN B 226 11.63 1.14 9.53
C GLN B 226 12.49 0.68 8.36
N LEU B 227 13.10 1.63 7.64
CA LEU B 227 13.85 1.35 6.40
C LEU B 227 15.34 1.63 6.55
N LYS B 228 15.85 1.34 7.74
CA LYS B 228 17.25 1.55 8.09
C LYS B 228 18.18 0.88 7.12
N ASP B 229 17.77 -0.30 6.66
CA ASP B 229 18.62 -1.12 5.80
C ASP B 229 18.64 -0.63 4.34
N ASN B 230 17.69 0.23 3.99
CA ASN B 230 17.60 0.78 2.62
C ASN B 230 18.46 2.03 2.48
N SER B 231 19.75 1.79 2.53
CA SER B 231 20.75 2.86 2.50
C SER B 231 21.12 3.38 1.08
N ASN B 232 20.47 2.82 0.06
CA ASN B 232 20.66 3.26 -1.34
C ASN B 232 19.38 3.97 -1.75
N ILE B 233 19.52 5.21 -2.20
CA ILE B 233 18.34 6.01 -2.54
C ILE B 233 18.43 6.47 -3.97
N ILE B 234 17.30 6.34 -4.67
CA ILE B 234 17.07 7.17 -5.83
C ILE B 234 16.10 8.29 -5.52
N LEU B 235 16.61 9.51 -5.66
CA LEU B 235 15.75 10.68 -5.51
C LEU B 235 15.43 11.29 -6.90
N LEU B 236 14.15 11.59 -7.12
CA LEU B 236 13.67 12.25 -8.35
C LEU B 236 12.90 13.51 -7.96
N GLY B 237 13.20 14.62 -8.61
CA GLY B 237 12.49 15.88 -8.40
C GLY B 237 12.54 16.75 -9.64
N ASP B 238 11.80 17.84 -9.64
CA ASP B 238 11.95 18.84 -10.71
C ASP B 238 12.25 20.24 -10.18
N SER B 239 12.22 20.42 -8.87
CA SER B 239 12.61 21.71 -8.29
C SER B 239 13.86 21.56 -7.43
N GLN B 240 14.56 22.64 -7.19
CA GLN B 240 15.62 22.65 -6.19
C GLN B 240 15.15 22.16 -4.77
N GLY B 241 13.90 22.44 -4.41
CA GLY B 241 13.37 22.09 -3.10
C GLY B 241 13.27 20.61 -2.82
N ASP B 242 13.08 19.86 -3.91
CA ASP B 242 13.01 18.42 -3.88
C ASP B 242 14.35 17.82 -3.48
N LEU B 243 15.42 18.60 -3.51
CA LEU B 243 16.73 18.05 -3.08
C LEU B 243 16.79 17.68 -1.59
N ARG B 244 15.87 18.26 -0.82
CA ARG B 244 15.82 18.11 0.64
C ARG B 244 14.97 16.93 1.03
N ALA B 246 15.37 13.84 0.99
CA ALA B 246 16.03 12.74 1.69
C ALA B 246 16.72 13.12 3.05
N ASP B 247 16.41 14.29 3.60
CA ASP B 247 17.00 14.73 4.88
C ASP B 247 16.66 13.87 6.12
N GLY B 248 15.61 13.08 6.01
CA GLY B 248 15.20 12.21 7.09
C GLY B 248 15.72 10.79 6.98
N VAL B 249 16.62 10.52 6.04
CA VAL B 249 17.09 9.15 5.90
C VAL B 249 18.16 8.75 6.94
N ALA B 250 17.83 7.65 7.63
CA ALA B 250 18.68 7.05 8.66
C ALA B 250 20.20 7.07 8.30
N ASN B 251 20.66 6.13 7.46
CA ASN B 251 22.04 6.16 6.96
C ASN B 251 22.05 6.06 5.43
N VAL B 252 22.88 6.89 4.81
CA VAL B 252 22.93 6.95 3.34
C VAL B 252 24.26 6.40 2.86
N GLU B 253 24.20 5.32 2.09
CA GLU B 253 25.40 4.75 1.49
C GLU B 253 25.57 5.30 0.05
N HIS B 254 24.53 5.18 -0.78
CA HIS B 254 24.55 5.80 -2.13
C HIS B 254 23.23 6.49 -2.39
N ILE B 255 23.29 7.70 -2.91
CA ILE B 255 22.08 8.41 -3.30
C ILE B 255 22.29 8.95 -4.73
N LEU B 256 21.30 8.75 -5.60
CA LEU B 256 21.35 9.35 -6.95
C LEU B 256 20.23 10.35 -7.04
N LYS B 257 20.54 11.56 -7.45
CA LYS B 257 19.56 12.62 -7.51
C LYS B 257 19.31 12.94 -8.99
N ILE B 258 18.07 12.72 -9.46
CA ILE B 258 17.72 12.90 -10.87
C ILE B 258 16.71 14.03 -10.94
N GLY B 259 17.07 15.07 -11.68
CA GLY B 259 16.25 16.24 -11.79
C GLY B 259 15.64 16.48 -13.15
N TYR B 260 14.32 16.64 -13.18
CA TYR B 260 13.65 17.11 -14.39
C TYR B 260 13.74 18.60 -14.48
N LEU B 261 14.44 19.10 -15.51
CA LEU B 261 14.45 20.52 -15.81
C LEU B 261 13.51 20.83 -16.98
N ASN B 262 12.31 21.26 -16.62
CA ASN B 262 11.15 21.29 -17.52
C ASN B 262 10.94 22.58 -18.24
N ASP B 263 11.70 23.59 -17.85
CA ASP B 263 11.26 24.97 -17.94
C ASP B 263 12.42 25.84 -17.50
N ARG B 264 12.44 27.11 -17.91
CA ARG B 264 13.48 28.04 -17.47
C ARG B 264 14.84 27.40 -17.70
N VAL B 265 15.05 26.83 -18.88
CA VAL B 265 16.18 25.93 -19.08
C VAL B 265 17.53 26.65 -19.04
N ASP B 266 17.63 27.78 -19.75
CA ASP B 266 18.87 28.57 -19.79
C ASP B 266 19.28 29.19 -18.47
N GLU B 267 18.30 29.75 -17.77
CA GLU B 267 18.45 30.23 -16.40
C GLU B 267 18.92 29.14 -15.40
N LEU B 268 18.33 27.95 -15.45
CA LEU B 268 18.55 26.98 -14.36
C LEU B 268 19.54 25.84 -14.62
N LEU B 269 19.92 25.61 -15.88
CA LEU B 269 20.74 24.44 -16.27
C LEU B 269 22.02 24.22 -15.46
N GLU B 270 22.80 25.27 -15.27
CA GLU B 270 24.04 25.17 -14.50
C GLU B 270 23.75 24.85 -13.03
N LYS B 271 22.74 25.50 -12.47
CA LYS B 271 22.37 25.23 -11.09
C LYS B 271 21.89 23.80 -10.92
N TYR B 272 21.09 23.32 -11.87
CA TYR B 272 20.61 21.92 -11.86
C TYR B 272 21.74 20.88 -12.07
N ASP B 274 24.86 21.23 -11.37
CA ASP B 274 25.69 21.24 -10.16
C ASP B 274 25.06 20.59 -8.95
N SER B 275 23.73 20.58 -8.88
CA SER B 275 23.01 20.05 -7.69
C SER B 275 22.40 18.68 -7.86
N TYR B 276 21.86 18.41 -9.05
CA TYR B 276 21.38 17.06 -9.33
C TYR B 276 22.51 16.32 -10.03
N ASP B 277 22.59 15.00 -9.87
CA ASP B 277 23.61 14.17 -10.53
C ASP B 277 23.30 14.00 -12.03
N ILE B 278 22.03 13.70 -12.32
CA ILE B 278 21.50 13.60 -13.68
C ILE B 278 20.39 14.64 -13.84
N VAL B 279 20.51 15.42 -14.92
CA VAL B 279 19.49 16.41 -15.30
C VAL B 279 18.78 15.95 -16.60
N LEU B 280 17.45 15.90 -16.57
CA LEU B 280 16.67 15.47 -17.72
C LEU B 280 15.89 16.64 -18.27
N VAL B 281 16.42 17.20 -19.37
CA VAL B 281 15.92 18.44 -19.94
C VAL B 281 14.71 18.23 -20.86
N LYS B 282 13.57 18.78 -20.44
CA LYS B 282 12.35 18.78 -21.26
C LYS B 282 11.98 17.34 -21.65
N GLU B 283 11.96 16.47 -20.66
CA GLU B 283 11.90 15.04 -20.85
C GLU B 283 10.64 14.49 -20.20
N GLU B 284 9.80 13.82 -20.99
CA GLU B 284 8.52 13.35 -20.50
C GLU B 284 8.41 11.86 -20.27
N SER B 285 9.56 11.19 -20.13
CA SER B 285 9.59 9.76 -19.83
C SER B 285 10.39 9.45 -18.59
N LEU B 286 10.29 8.20 -18.13
CA LEU B 286 10.99 7.69 -16.94
C LEU B 286 12.07 6.67 -17.34
N GLU B 287 12.46 6.66 -18.63
CA GLU B 287 13.33 5.63 -19.16
C GLU B 287 14.75 5.60 -18.60
N VAL B 288 15.35 6.76 -18.32
CA VAL B 288 16.66 6.80 -17.64
C VAL B 288 16.63 6.13 -16.25
N VAL B 289 15.63 6.48 -15.42
CA VAL B 289 15.45 5.79 -14.13
C VAL B 289 15.10 4.31 -14.33
N ASN B 290 14.15 4.01 -15.21
CA ASN B 290 13.87 2.60 -15.58
C ASN B 290 15.13 1.81 -15.99
N SER B 291 15.98 2.43 -16.80
CA SER B 291 17.23 1.78 -17.19
C SER B 291 18.17 1.47 -16.01
N ILE B 292 18.16 2.34 -14.99
CA ILE B 292 18.93 2.11 -13.77
C ILE B 292 18.26 1.01 -12.91
N LEU B 293 16.94 1.05 -12.80
CA LEU B 293 16.20 -0.04 -12.11
C LEU B 293 16.46 -1.42 -12.72
N GLN B 294 16.57 -1.46 -14.05
CA GLN B 294 16.78 -2.69 -14.80
C GLN B 294 18.13 -3.32 -14.48
N LYS B 295 19.20 -2.52 -14.46
CA LYS B 295 20.52 -3.00 -14.04
C LYS B 295 20.53 -3.41 -12.55
N THR B 296 19.75 -2.69 -11.73
CA THR B 296 19.76 -2.83 -10.28
C THR B 296 18.88 -3.96 -9.75
N LEU B 297 17.63 -4.04 -10.21
CA LEU B 297 16.69 -4.93 -9.56
C LEU B 297 16.92 -6.42 -9.86
#